data_9H5Y
#
_entry.id   9H5Y
#
_cell.length_a   42.940
_cell.length_b   63.063
_cell.length_c   85.343
_cell.angle_alpha   90.00
_cell.angle_beta   90.00
_cell.angle_gamma   90.00
#
_symmetry.space_group_name_H-M   'P 21 2 21'
#
loop_
_entity.id
_entity.type
_entity.pdbx_description
1 polymer Transthyretin
2 non-polymer (3-fluoranyl-5-oxidanyl-phenyl)-[3-nitro-4,5-bis(oxidanyl)phenyl]methanone
3 water water
#
_entity_poly.entity_id   1
_entity_poly.type   'polypeptide(L)'
_entity_poly.pdbx_seq_one_letter_code
;GPTGTGESKCPLMVKVLDAVRGSPAINVAMHVFRKAADDTWEPFASGKTSESGELHGLTTEEEFVEGIYKVEIDTKSYWK
ALGISPFHEHAEVVFTANDSGPRRYTIAALLSPYSYSTTAVVTNP
;
_entity_poly.pdbx_strand_id   A,B
#
loop_
_chem_comp.id
_chem_comp.type
_chem_comp.name
_chem_comp.formula
AQI non-polymer (3-fluoranyl-5-oxidanyl-phenyl)-[3-nitro-4,5-bis(oxidanyl)phenyl]methanone 'C13 H8 F N O6'
#
# COMPACT_ATOMS: atom_id res chain seq x y z
N CYS A 10 20.65 12.04 -4.08
CA CYS A 10 19.39 11.35 -4.26
C CYS A 10 18.67 11.18 -2.93
N PRO A 11 17.77 12.11 -2.60
CA PRO A 11 17.02 12.00 -1.35
C PRO A 11 15.85 11.04 -1.40
N LEU A 12 15.45 10.57 -2.59
CA LEU A 12 14.35 9.64 -2.72
C LEU A 12 14.70 8.66 -3.83
N MET A 13 14.81 7.38 -3.46
CA MET A 13 15.06 6.30 -4.41
C MET A 13 14.05 5.20 -4.14
N VAL A 14 13.59 4.55 -5.20
CA VAL A 14 12.64 3.46 -5.08
C VAL A 14 13.22 2.24 -5.75
N LYS A 15 13.13 1.09 -5.09
CA LYS A 15 13.64 -0.17 -5.62
C LYS A 15 12.52 -1.20 -5.61
N VAL A 16 12.37 -1.93 -6.70
CA VAL A 16 11.28 -2.87 -6.87
C VAL A 16 11.86 -4.22 -7.26
N LEU A 17 11.45 -5.27 -6.54
CA LEU A 17 11.90 -6.64 -6.78
C LEU A 17 10.73 -7.55 -7.15
N ASP A 18 11.03 -8.58 -7.95
CA ASP A 18 10.06 -9.58 -8.39
C ASP A 18 10.29 -10.88 -7.60
N ALA A 19 9.33 -11.26 -6.76
CA ALA A 19 9.48 -12.45 -5.91
C ALA A 19 9.15 -13.76 -6.64
N VAL A 20 8.59 -13.68 -7.84
CA VAL A 20 8.30 -14.87 -8.64
C VAL A 20 9.52 -15.28 -9.44
N ARG A 21 10.21 -14.31 -10.03
CA ARG A 21 11.37 -14.59 -10.86
C ARG A 21 12.69 -14.45 -10.12
N GLY A 22 12.71 -13.85 -8.93
CA GLY A 22 13.96 -13.61 -8.23
C GLY A 22 14.85 -12.65 -8.98
N SER A 23 14.31 -11.49 -9.33
CA SER A 23 15.01 -10.55 -10.18
C SER A 23 14.57 -9.15 -9.78
N PRO A 24 15.33 -8.13 -10.15
CA PRO A 24 14.76 -6.78 -10.13
C PRO A 24 13.49 -6.75 -10.98
N ALA A 25 12.57 -5.86 -10.61
CA ALA A 25 11.38 -5.62 -11.41
C ALA A 25 11.70 -4.44 -12.32
N ILE A 26 11.90 -4.72 -13.60
CA ILE A 26 12.42 -3.76 -14.55
C ILE A 26 11.26 -3.06 -15.24
N ASN A 27 11.43 -1.77 -15.53
CA ASN A 27 10.48 -1.00 -16.35
C ASN A 27 9.13 -0.88 -15.63
N VAL A 28 9.18 -0.80 -14.30
CA VAL A 28 7.98 -0.58 -13.50
C VAL A 28 7.75 0.92 -13.36
N ALA A 29 6.59 1.38 -13.82
CA ALA A 29 6.27 2.79 -13.74
C ALA A 29 5.76 3.14 -12.35
N MET A 30 6.02 4.37 -11.93
CA MET A 30 5.45 4.84 -10.67
C MET A 30 5.31 6.36 -10.72
N HIS A 31 4.33 6.86 -9.98
CA HIS A 31 4.08 8.28 -9.83
C HIS A 31 4.20 8.64 -8.36
N VAL A 32 4.84 9.78 -8.07
CA VAL A 32 4.94 10.32 -6.72
C VAL A 32 4.07 11.56 -6.64
N PHE A 33 3.27 11.65 -5.58
CA PHE A 33 2.41 12.79 -5.34
C PHE A 33 2.74 13.41 -4.00
N ARG A 34 2.38 14.69 -3.85
CA ARG A 34 2.55 15.42 -2.59
C ARG A 34 1.20 16.00 -2.18
N LYS A 35 0.87 15.90 -0.89
CA LYS A 35 -0.40 16.43 -0.41
C LYS A 35 -0.32 17.95 -0.37
N ALA A 36 -1.26 18.61 -1.05
CA ALA A 36 -1.32 20.06 -1.08
C ALA A 36 -2.06 20.59 0.15
N ALA A 37 -1.97 21.91 0.34
CA ALA A 37 -2.58 22.50 1.54
C ALA A 37 -4.08 22.27 1.57
N ASP A 38 -4.72 22.12 0.41
CA ASP A 38 -6.15 21.84 0.34
C ASP A 38 -6.46 20.35 0.41
N ASP A 39 -5.48 19.54 0.83
CA ASP A 39 -5.63 18.11 1.06
C ASP A 39 -5.84 17.29 -0.22
N THR A 40 -5.53 17.85 -1.38
CA THR A 40 -5.52 17.07 -2.61
C THR A 40 -4.09 16.64 -2.95
N TRP A 41 -3.99 15.65 -3.84
CA TRP A 41 -2.71 15.08 -4.24
C TRP A 41 -2.19 15.81 -5.47
N GLU A 42 -1.07 16.51 -5.33
CA GLU A 42 -0.47 17.13 -6.50
C GLU A 42 0.66 16.27 -7.07
N PRO A 43 0.79 16.21 -8.39
CA PRO A 43 1.90 15.45 -8.98
C PRO A 43 3.25 16.01 -8.56
N PHE A 44 4.18 15.11 -8.22
CA PHE A 44 5.48 15.55 -7.73
C PHE A 44 6.62 15.08 -8.60
N ALA A 45 6.60 13.82 -9.02
CA ALA A 45 7.66 13.24 -9.83
C ALA A 45 7.16 11.89 -10.33
N SER A 46 7.79 11.39 -11.40
CA SER A 46 7.47 10.05 -11.88
C SER A 46 8.65 9.50 -12.66
N GLY A 47 8.59 8.21 -12.95
CA GLY A 47 9.68 7.55 -13.64
C GLY A 47 9.45 6.06 -13.71
N LYS A 48 10.43 5.35 -14.22
CA LYS A 48 10.35 3.91 -14.37
C LYS A 48 11.63 3.27 -13.87
N THR A 49 11.50 2.08 -13.29
CA THR A 49 12.69 1.39 -12.79
C THR A 49 13.61 0.97 -13.93
N SER A 50 14.90 0.96 -13.62
CA SER A 50 15.98 0.59 -14.53
C SER A 50 16.15 -0.92 -14.58
N GLU A 51 17.21 -1.37 -15.26
CA GLU A 51 17.56 -2.78 -15.32
C GLU A 51 17.90 -3.35 -13.94
N SER A 52 18.28 -2.50 -12.99
CA SER A 52 18.56 -2.92 -11.62
C SER A 52 17.35 -2.87 -10.71
N GLY A 53 16.18 -2.51 -11.25
CA GLY A 53 14.99 -2.37 -10.44
C GLY A 53 14.90 -1.09 -9.66
N GLU A 54 15.81 -0.13 -9.91
CA GLU A 54 15.89 1.08 -9.13
C GLU A 54 15.44 2.29 -9.96
N LEU A 55 14.86 3.25 -9.27
CA LEU A 55 14.48 4.53 -9.87
C LEU A 55 15.17 5.61 -9.05
N HIS A 56 16.15 6.27 -9.64
CA HIS A 56 16.91 7.34 -9.01
C HIS A 56 16.51 8.69 -9.62
N GLY A 57 16.97 9.75 -8.97
CA GLY A 57 16.84 11.09 -9.55
C GLY A 57 15.43 11.64 -9.61
N LEU A 58 14.52 11.11 -8.79
CA LEU A 58 13.16 11.63 -8.81
C LEU A 58 13.08 13.09 -8.35
N THR A 59 13.94 13.50 -7.42
CA THR A 59 13.83 14.86 -6.88
C THR A 59 15.20 15.32 -6.40
N THR A 60 15.22 16.49 -5.77
CA THR A 60 16.43 17.10 -5.23
C THR A 60 16.16 17.49 -3.79
N GLU A 61 17.24 17.72 -3.03
CA GLU A 61 17.07 18.13 -1.64
C GLU A 61 16.26 19.42 -1.53
N GLU A 62 16.44 20.37 -2.46
CA GLU A 62 15.73 21.64 -2.37
C GLU A 62 14.24 21.46 -2.64
N GLU A 63 13.89 20.61 -3.61
CA GLU A 63 12.50 20.41 -3.99
C GLU A 63 11.75 19.53 -3.00
N PHE A 64 12.45 18.61 -2.34
CA PHE A 64 11.84 17.58 -1.49
C PHE A 64 11.60 18.14 -0.09
N VAL A 65 10.59 19.01 0.01
CA VAL A 65 10.30 19.68 1.27
C VAL A 65 9.50 18.77 2.20
N GLU A 66 9.32 19.22 3.45
CA GLU A 66 8.37 18.60 4.37
C GLU A 66 7.05 18.38 3.66
N GLY A 67 6.44 17.23 3.90
CA GLY A 67 5.10 17.03 3.37
C GLY A 67 4.72 15.58 3.48
N ILE A 68 3.48 15.30 3.10
CA ILE A 68 2.99 13.93 2.99
C ILE A 68 3.09 13.53 1.53
N TYR A 69 3.80 12.44 1.26
CA TYR A 69 4.08 11.99 -0.09
C TYR A 69 3.45 10.64 -0.31
N LYS A 70 3.05 10.38 -1.55
CA LYS A 70 2.48 9.10 -1.96
C LYS A 70 3.24 8.59 -3.17
N VAL A 71 3.77 7.38 -3.07
CA VAL A 71 4.35 6.67 -4.21
C VAL A 71 3.33 5.63 -4.66
N GLU A 72 2.87 5.76 -5.91
N GLU A 72 2.88 5.74 -5.91
CA GLU A 72 1.96 4.81 -6.54
CA GLU A 72 1.95 4.79 -6.52
C GLU A 72 2.80 4.01 -7.54
C GLU A 72 2.71 3.99 -7.57
N ILE A 73 3.01 2.73 -7.25
CA ILE A 73 3.80 1.87 -8.11
C ILE A 73 2.86 1.04 -8.95
N ASP A 74 3.00 1.10 -10.27
CA ASP A 74 2.03 0.47 -11.17
C ASP A 74 2.38 -1.00 -11.33
N THR A 75 2.05 -1.77 -10.29
CA THR A 75 2.35 -3.19 -10.28
C THR A 75 1.46 -3.96 -11.23
N LYS A 76 0.24 -3.48 -11.48
CA LYS A 76 -0.68 -4.24 -12.33
C LYS A 76 -0.14 -4.35 -13.75
N SER A 77 0.37 -3.24 -14.31
CA SER A 77 0.93 -3.30 -15.67
C SER A 77 2.14 -4.22 -15.72
N TYR A 78 2.95 -4.21 -14.67
CA TYR A 78 4.10 -5.11 -14.61
C TYR A 78 3.67 -6.57 -14.75
N TRP A 79 2.72 -7.01 -13.92
CA TRP A 79 2.32 -8.42 -13.95
C TRP A 79 1.60 -8.78 -15.25
N LYS A 80 0.77 -7.85 -15.76
CA LYS A 80 0.02 -8.14 -16.97
C LYS A 80 0.96 -8.46 -18.12
N ALA A 81 2.01 -7.65 -18.28
CA ALA A 81 3.01 -7.86 -19.33
C ALA A 81 3.70 -9.21 -19.20
N LEU A 82 3.72 -9.79 -18.01
CA LEU A 82 4.28 -11.13 -17.81
C LEU A 82 3.23 -12.22 -17.92
N GLY A 83 2.00 -11.87 -18.28
CA GLY A 83 0.93 -12.84 -18.45
C GLY A 83 0.16 -13.18 -17.20
N ILE A 84 0.39 -12.45 -16.10
CA ILE A 84 -0.26 -12.72 -14.83
C ILE A 84 -1.34 -11.69 -14.58
N SER A 85 -2.47 -12.15 -14.07
CA SER A 85 -3.57 -11.28 -13.66
C SER A 85 -3.45 -11.06 -12.16
N PRO A 86 -2.87 -9.95 -11.70
CA PRO A 86 -2.58 -9.80 -10.28
C PRO A 86 -3.79 -9.30 -9.51
N PHE A 87 -3.65 -9.33 -8.19
CA PHE A 87 -4.73 -8.86 -7.31
C PHE A 87 -4.77 -7.35 -7.22
N HIS A 88 -3.63 -6.70 -7.01
CA HIS A 88 -3.64 -5.28 -6.68
C HIS A 88 -3.63 -4.41 -7.93
N GLU A 89 -4.26 -3.24 -7.81
CA GLU A 89 -4.19 -2.25 -8.87
C GLU A 89 -2.82 -1.61 -8.91
N HIS A 90 -2.24 -1.37 -7.75
CA HIS A 90 -0.93 -0.77 -7.61
C HIS A 90 -0.54 -0.94 -6.16
N ALA A 91 0.75 -0.75 -5.89
CA ALA A 91 1.25 -0.67 -4.52
C ALA A 91 1.36 0.80 -4.16
N GLU A 92 0.80 1.16 -3.01
CA GLU A 92 0.71 2.55 -2.58
C GLU A 92 1.50 2.70 -1.29
N VAL A 93 2.43 3.66 -1.27
CA VAL A 93 3.28 3.94 -0.11
C VAL A 93 3.08 5.40 0.27
N VAL A 94 2.50 5.66 1.43
CA VAL A 94 2.17 7.03 1.86
C VAL A 94 2.92 7.33 3.14
N PHE A 95 3.67 8.44 3.17
CA PHE A 95 4.51 8.73 4.33
C PHE A 95 4.77 10.23 4.45
N THR A 96 4.98 10.67 5.69
CA THR A 96 5.47 12.03 5.93
C THR A 96 6.99 12.03 5.79
N ALA A 97 7.51 13.01 5.06
CA ALA A 97 8.94 13.10 4.78
C ALA A 97 9.50 14.39 5.34
N ASN A 98 10.75 14.31 5.84
CA ASN A 98 11.56 15.47 6.22
C ASN A 98 10.95 16.27 7.36
N ASP A 99 10.16 15.60 8.20
CA ASP A 99 9.53 16.26 9.34
C ASP A 99 10.56 16.79 10.34
N SER A 100 11.70 16.12 10.48
CA SER A 100 12.76 16.52 11.39
C SER A 100 14.00 16.98 10.63
N GLY A 101 13.80 17.62 9.48
CA GLY A 101 14.90 17.98 8.64
C GLY A 101 15.11 16.97 7.53
N PRO A 102 16.04 17.28 6.61
CA PRO A 102 16.22 16.41 5.44
C PRO A 102 16.69 15.01 5.82
N ARG A 103 16.11 14.02 5.16
CA ARG A 103 16.54 12.64 5.25
C ARG A 103 16.67 12.08 3.85
N ARG A 104 17.39 10.97 3.72
CA ARG A 104 17.43 10.21 2.48
C ARG A 104 16.53 8.98 2.63
N TYR A 105 15.66 8.75 1.65
CA TYR A 105 14.64 7.71 1.72
C TYR A 105 14.87 6.71 0.60
N THR A 106 15.01 5.44 0.96
CA THR A 106 14.89 4.35 0.00
C THR A 106 13.59 3.63 0.30
N ILE A 107 12.69 3.60 -0.68
CA ILE A 107 11.45 2.85 -0.59
C ILE A 107 11.64 1.58 -1.40
N ALA A 108 11.41 0.42 -0.79
CA ALA A 108 11.52 -0.83 -1.51
C ALA A 108 10.18 -1.53 -1.56
N ALA A 109 9.94 -2.26 -2.65
CA ALA A 109 8.73 -3.07 -2.78
C ALA A 109 9.10 -4.42 -3.36
N LEU A 110 8.65 -5.48 -2.72
CA LEU A 110 8.83 -6.86 -3.17
C LEU A 110 7.49 -7.37 -3.66
N LEU A 111 7.40 -7.73 -4.94
CA LEU A 111 6.12 -7.98 -5.59
C LEU A 111 5.87 -9.47 -5.85
N SER A 112 4.66 -9.91 -5.53
CA SER A 112 4.10 -11.19 -5.98
C SER A 112 2.72 -10.91 -6.55
N PRO A 113 2.13 -11.85 -7.30
CA PRO A 113 0.85 -11.52 -7.93
C PRO A 113 -0.26 -11.19 -6.94
N TYR A 114 -0.29 -11.84 -5.79
CA TYR A 114 -1.35 -11.63 -4.80
C TYR A 114 -0.83 -11.02 -3.51
N SER A 115 0.39 -10.48 -3.52
CA SER A 115 0.96 -9.99 -2.27
C SER A 115 2.08 -9.03 -2.61
N TYR A 116 2.29 -8.06 -1.73
CA TYR A 116 3.54 -7.33 -1.81
C TYR A 116 3.96 -6.89 -0.42
N SER A 117 5.27 -6.69 -0.27
N SER A 117 5.26 -6.70 -0.28
CA SER A 117 5.86 -6.19 0.96
CA SER A 117 5.86 -6.15 0.92
C SER A 117 6.60 -4.90 0.65
C SER A 117 6.49 -4.81 0.55
N THR A 118 6.47 -3.90 1.50
CA THR A 118 7.17 -2.65 1.29
C THR A 118 7.87 -2.23 2.57
N THR A 119 9.05 -1.63 2.39
N THR A 119 9.06 -1.66 2.41
CA THR A 119 9.86 -1.18 3.50
CA THR A 119 9.84 -1.18 3.54
C THR A 119 10.36 0.22 3.17
C THR A 119 10.52 0.11 3.15
N ALA A 120 10.99 0.84 4.16
CA ALA A 120 11.68 2.10 3.95
C ALA A 120 12.97 2.05 4.74
N VAL A 121 14.04 2.52 4.12
CA VAL A 121 15.33 2.73 4.78
C VAL A 121 15.56 4.23 4.79
N VAL A 122 15.65 4.80 5.98
CA VAL A 122 15.73 6.24 6.15
C VAL A 122 17.05 6.55 6.83
N THR A 123 17.88 7.36 6.18
CA THR A 123 19.21 7.66 6.68
C THR A 123 19.39 9.17 6.79
N ASN A 124 20.22 9.59 7.74
CA ASN A 124 20.49 11.01 7.93
C ASN A 124 21.79 11.38 7.23
N PRO A 125 21.75 12.24 6.19
CA PRO A 125 22.88 12.61 5.33
C PRO A 125 24.17 12.91 6.09
N CYS B 10 -19.80 -13.52 4.44
CA CYS B 10 -18.77 -12.49 4.51
C CYS B 10 -17.92 -12.50 3.24
N PRO B 11 -18.28 -11.66 2.26
CA PRO B 11 -17.49 -11.61 1.02
C PRO B 11 -16.15 -10.92 1.19
N LEU B 12 -15.96 -10.11 2.23
CA LEU B 12 -14.74 -9.34 2.40
C LEU B 12 -14.41 -9.26 3.87
N MET B 13 -13.25 -9.77 4.26
CA MET B 13 -12.74 -9.70 5.62
C MET B 13 -11.32 -9.15 5.58
N VAL B 14 -10.93 -8.44 6.64
CA VAL B 14 -9.58 -7.91 6.76
C VAL B 14 -8.99 -8.40 8.07
N LYS B 15 -7.74 -8.85 8.03
CA LYS B 15 -7.01 -9.34 9.19
C LYS B 15 -5.69 -8.60 9.28
N VAL B 16 -5.37 -8.06 10.45
CA VAL B 16 -4.17 -7.27 10.64
C VAL B 16 -3.36 -7.88 11.77
N LEU B 17 -2.05 -8.03 11.54
CA LEU B 17 -1.14 -8.65 12.48
C LEU B 17 0.00 -7.69 12.80
N ASP B 18 0.57 -7.87 13.99
CA ASP B 18 1.60 -6.98 14.52
C ASP B 18 2.89 -7.82 14.58
N ALA B 19 3.88 -7.43 13.76
CA ALA B 19 5.14 -8.15 13.65
C ALA B 19 6.14 -7.79 14.76
N VAL B 20 5.85 -6.77 15.55
CA VAL B 20 6.72 -6.37 16.65
C VAL B 20 6.36 -7.13 17.92
N ARG B 21 5.07 -7.30 18.16
CA ARG B 21 4.59 -8.01 19.33
C ARG B 21 4.19 -9.45 19.06
N GLY B 22 4.08 -9.85 17.80
CA GLY B 22 3.67 -11.21 17.46
C GLY B 22 2.24 -11.50 17.87
N SER B 23 1.32 -10.65 17.45
CA SER B 23 -0.03 -10.69 17.98
C SER B 23 -0.98 -10.14 16.93
N PRO B 24 -2.27 -10.44 17.05
CA PRO B 24 -3.25 -9.67 16.29
C PRO B 24 -3.07 -8.19 16.60
N ALA B 25 -3.32 -7.37 15.59
CA ALA B 25 -3.31 -5.92 15.74
C ALA B 25 -4.74 -5.50 16.06
N ILE B 26 -4.97 -5.13 17.31
CA ILE B 26 -6.32 -4.95 17.83
C ILE B 26 -6.69 -3.49 17.74
N ASN B 27 -7.97 -3.23 17.49
CA ASN B 27 -8.52 -1.87 17.49
C ASN B 27 -7.90 -1.01 16.40
N VAL B 28 -7.52 -1.65 15.30
CA VAL B 28 -7.01 -0.93 14.16
C VAL B 28 -8.18 -0.45 13.31
N ALA B 29 -8.27 0.86 13.09
CA ALA B 29 -9.34 1.42 12.28
C ALA B 29 -8.99 1.36 10.80
N MET B 30 -10.02 1.13 9.98
CA MET B 30 -9.81 1.18 8.54
C MET B 30 -11.09 1.66 7.87
N HIS B 31 -10.90 2.24 6.69
CA HIS B 31 -11.99 2.63 5.83
C HIS B 31 -11.82 1.91 4.49
N VAL B 32 -12.93 1.47 3.91
CA VAL B 32 -12.94 0.91 2.57
C VAL B 32 -13.63 1.88 1.64
N PHE B 33 -13.03 2.12 0.48
CA PHE B 33 -13.58 3.04 -0.51
C PHE B 33 -13.79 2.30 -1.83
N ARG B 34 -14.74 2.78 -2.62
CA ARG B 34 -14.97 2.24 -3.96
C ARG B 34 -14.74 3.36 -4.96
N LYS B 35 -14.00 3.07 -6.03
CA LYS B 35 -13.70 4.11 -7.00
C LYS B 35 -14.95 4.45 -7.79
N ALA B 36 -15.24 5.73 -7.88
CA ALA B 36 -16.39 6.26 -8.60
C ALA B 36 -16.00 6.59 -10.03
N ALA B 37 -17.03 6.85 -10.86
CA ALA B 37 -16.83 7.09 -12.28
C ALA B 37 -15.90 8.27 -12.54
N ASP B 38 -15.94 9.29 -11.67
CA ASP B 38 -15.07 10.45 -11.79
C ASP B 38 -13.72 10.24 -11.11
N ASP B 39 -13.30 9.00 -10.89
CA ASP B 39 -12.00 8.64 -10.33
C ASP B 39 -11.79 9.13 -8.90
N THR B 40 -12.87 9.43 -8.18
CA THR B 40 -12.79 9.76 -6.76
C THR B 40 -13.15 8.54 -5.93
N TRP B 41 -12.81 8.60 -4.63
CA TRP B 41 -13.00 7.47 -3.72
C TRP B 41 -14.25 7.70 -2.87
N GLU B 42 -15.27 6.90 -3.12
CA GLU B 42 -16.51 6.96 -2.33
C GLU B 42 -16.39 6.07 -1.11
N PRO B 43 -16.66 6.58 0.10
CA PRO B 43 -16.69 5.68 1.26
C PRO B 43 -17.73 4.59 1.05
N PHE B 44 -17.44 3.41 1.59
CA PHE B 44 -18.19 2.20 1.28
C PHE B 44 -18.45 1.42 2.57
N ALA B 45 -17.44 1.28 3.41
CA ALA B 45 -17.59 0.61 4.70
C ALA B 45 -16.39 0.97 5.56
N SER B 46 -16.49 0.65 6.86
CA SER B 46 -15.36 0.85 7.77
C SER B 46 -15.60 0.10 9.06
N GLY B 47 -14.58 0.09 9.90
CA GLY B 47 -14.67 -0.52 11.20
C GLY B 47 -13.29 -0.59 11.85
N LYS B 48 -13.23 -1.31 12.95
CA LYS B 48 -12.01 -1.52 13.72
C LYS B 48 -11.79 -3.01 13.93
N THR B 49 -10.54 -3.45 13.87
CA THR B 49 -10.29 -4.87 14.08
C THR B 49 -10.67 -5.29 15.50
N SER B 50 -11.05 -6.55 15.63
CA SER B 50 -11.46 -7.17 16.88
C SER B 50 -10.24 -7.61 17.69
N GLU B 51 -10.49 -8.29 18.81
CA GLU B 51 -9.39 -8.83 19.59
C GLU B 51 -8.62 -9.90 18.84
N SER B 52 -9.20 -10.48 17.78
CA SER B 52 -8.50 -11.43 16.95
C SER B 52 -7.79 -10.76 15.77
N GLY B 53 -7.77 -9.44 15.74
CA GLY B 53 -7.19 -8.73 14.62
C GLY B 53 -8.02 -8.73 13.36
N GLU B 54 -9.26 -9.21 13.41
CA GLU B 54 -10.10 -9.36 12.23
C GLU B 54 -11.25 -8.35 12.19
N LEU B 55 -11.60 -7.95 10.98
CA LEU B 55 -12.75 -7.07 10.77
C LEU B 55 -13.70 -7.75 9.78
N HIS B 56 -14.86 -8.17 10.29
CA HIS B 56 -15.88 -8.86 9.52
C HIS B 56 -17.07 -7.95 9.28
N GLY B 57 -17.98 -8.40 8.42
CA GLY B 57 -19.25 -7.70 8.23
C GLY B 57 -19.16 -6.38 7.51
N LEU B 58 -18.08 -6.15 6.76
CA LEU B 58 -17.92 -4.88 6.04
C LEU B 58 -19.01 -4.70 4.99
N THR B 59 -19.33 -5.76 4.25
CA THR B 59 -20.27 -5.62 3.15
C THR B 59 -21.06 -6.92 3.02
N THR B 60 -21.96 -6.95 2.03
CA THR B 60 -22.71 -8.15 1.72
C THR B 60 -22.46 -8.54 0.26
N GLU B 61 -22.86 -9.77 -0.07
CA GLU B 61 -22.69 -10.26 -1.44
C GLU B 61 -23.34 -9.31 -2.45
N GLU B 62 -24.58 -8.90 -2.18
CA GLU B 62 -25.30 -8.08 -3.15
C GLU B 62 -24.68 -6.69 -3.29
N GLU B 63 -24.10 -6.16 -2.21
CA GLU B 63 -23.52 -4.82 -2.23
C GLU B 63 -22.14 -4.81 -2.88
N PHE B 64 -21.41 -5.91 -2.78
CA PHE B 64 -20.01 -5.97 -3.17
C PHE B 64 -19.91 -6.35 -4.65
N VAL B 65 -20.09 -5.35 -5.51
CA VAL B 65 -20.05 -5.58 -6.95
C VAL B 65 -18.64 -5.34 -7.46
N GLU B 66 -18.39 -5.81 -8.69
CA GLU B 66 -17.12 -5.60 -9.35
C GLU B 66 -16.78 -4.11 -9.38
N GLY B 67 -15.49 -3.82 -9.34
CA GLY B 67 -15.03 -2.44 -9.26
C GLY B 67 -13.68 -2.41 -8.57
N ILE B 68 -13.17 -1.21 -8.40
CA ILE B 68 -11.89 -0.98 -7.75
C ILE B 68 -12.15 -0.51 -6.33
N TYR B 69 -11.56 -1.19 -5.36
CA TYR B 69 -11.75 -0.91 -3.95
C TYR B 69 -10.41 -0.53 -3.33
N LYS B 70 -10.47 0.33 -2.32
CA LYS B 70 -9.29 0.74 -1.58
C LYS B 70 -9.56 0.50 -0.10
N VAL B 71 -8.70 -0.26 0.56
CA VAL B 71 -8.75 -0.40 2.01
C VAL B 71 -7.63 0.45 2.59
N GLU B 72 -7.99 1.43 3.40
CA GLU B 72 -7.05 2.37 4.02
C GLU B 72 -6.98 2.05 5.50
N ILE B 73 -5.87 1.45 5.92
CA ILE B 73 -5.71 0.96 7.28
C ILE B 73 -4.91 2.00 8.05
N ASP B 74 -5.46 2.50 9.15
CA ASP B 74 -4.78 3.56 9.92
C ASP B 74 -3.70 2.95 10.81
N THR B 75 -2.60 2.57 10.16
CA THR B 75 -1.48 2.00 10.90
C THR B 75 -0.79 3.06 11.76
N LYS B 76 -0.78 4.32 11.31
CA LYS B 76 -0.08 5.34 12.09
C LYS B 76 -0.66 5.47 13.48
N SER B 77 -1.99 5.51 13.60
CA SER B 77 -2.61 5.63 14.92
C SER B 77 -2.35 4.41 15.76
N TYR B 78 -2.26 3.23 15.13
CA TYR B 78 -1.94 2.02 15.85
C TYR B 78 -0.58 2.12 16.51
N TRP B 79 0.44 2.48 15.73
CA TRP B 79 1.80 2.57 16.30
C TRP B 79 1.91 3.71 17.29
N LYS B 80 1.25 4.84 17.03
CA LYS B 80 1.32 5.94 17.99
C LYS B 80 0.74 5.53 19.33
N ALA B 81 -0.29 4.67 19.34
CA ALA B 81 -0.87 4.20 20.59
C ALA B 81 0.01 3.22 21.33
N LEU B 82 0.96 2.58 20.66
CA LEU B 82 1.98 1.76 21.29
C LEU B 82 3.23 2.56 21.62
N GLY B 83 3.26 3.84 21.30
CA GLY B 83 4.42 4.66 21.58
C GLY B 83 5.60 4.44 20.65
N ILE B 84 5.34 3.97 19.42
CA ILE B 84 6.39 3.64 18.47
C ILE B 84 6.24 4.53 17.25
N SER B 85 7.35 5.18 16.86
CA SER B 85 7.29 6.09 15.72
C SER B 85 7.21 5.31 14.43
N PRO B 86 6.16 5.47 13.62
CA PRO B 86 6.03 4.71 12.38
C PRO B 86 6.43 5.48 11.14
N PHE B 87 6.65 4.77 10.04
CA PHE B 87 6.99 5.42 8.77
C PHE B 87 5.75 5.84 7.99
N HIS B 88 4.78 4.94 7.83
CA HIS B 88 3.68 5.16 6.90
C HIS B 88 2.55 5.94 7.55
N GLU B 89 1.89 6.76 6.74
CA GLU B 89 0.66 7.43 7.17
C GLU B 89 -0.47 6.43 7.34
N HIS B 90 -0.56 5.47 6.41
CA HIS B 90 -1.50 4.36 6.50
C HIS B 90 -0.99 3.28 5.57
N ALA B 91 -1.59 2.11 5.67
CA ALA B 91 -1.38 1.03 4.71
C ALA B 91 -2.55 1.03 3.75
N GLU B 92 -2.25 1.03 2.45
CA GLU B 92 -3.26 1.06 1.41
C GLU B 92 -3.28 -0.26 0.66
N VAL B 93 -4.47 -0.76 0.39
CA VAL B 93 -4.65 -1.97 -0.39
C VAL B 93 -5.69 -1.65 -1.45
N VAL B 94 -5.25 -1.54 -2.70
CA VAL B 94 -6.13 -1.16 -3.80
C VAL B 94 -6.22 -2.34 -4.75
N PHE B 95 -7.43 -2.79 -5.03
CA PHE B 95 -7.61 -4.01 -5.80
C PHE B 95 -8.89 -3.95 -6.62
N THR B 96 -8.92 -4.74 -7.68
CA THR B 96 -10.13 -4.94 -8.47
C THR B 96 -10.86 -6.18 -7.95
N ALA B 97 -12.12 -6.03 -7.59
CA ALA B 97 -12.94 -7.19 -7.25
C ALA B 97 -13.51 -7.77 -8.53
N ASN B 98 -13.34 -9.07 -8.72
CA ASN B 98 -13.72 -9.73 -9.97
C ASN B 98 -14.74 -10.84 -9.73
N ASP B 99 -15.72 -10.93 -10.63
CA ASP B 99 -16.89 -11.79 -10.48
C ASP B 99 -16.87 -12.99 -11.41
N SER B 100 -15.69 -13.52 -11.74
CA SER B 100 -15.60 -14.71 -12.57
C SER B 100 -15.48 -15.89 -11.62
N GLY B 101 -16.61 -16.55 -11.36
CA GLY B 101 -16.74 -17.49 -10.27
C GLY B 101 -17.13 -16.77 -9.00
N PRO B 102 -17.61 -17.52 -8.00
CA PRO B 102 -17.83 -16.92 -6.68
C PRO B 102 -16.47 -16.63 -6.04
N ARG B 103 -16.47 -15.65 -5.13
CA ARG B 103 -15.20 -15.23 -4.53
C ARG B 103 -15.43 -14.72 -3.12
N ARG B 104 -14.69 -15.27 -2.14
CA ARG B 104 -14.56 -14.66 -0.82
C ARG B 104 -13.14 -14.12 -0.69
N TYR B 105 -13.02 -12.88 -0.22
CA TYR B 105 -11.75 -12.17 -0.14
C TYR B 105 -11.35 -12.01 1.32
N THR B 106 -10.13 -12.42 1.65
CA THR B 106 -9.49 -12.02 2.90
C THR B 106 -8.28 -11.19 2.55
N ILE B 107 -8.26 -9.95 3.04
CA ILE B 107 -7.10 -9.07 2.94
C ILE B 107 -6.35 -9.16 4.26
N ALA B 108 -5.09 -9.53 4.21
CA ALA B 108 -4.28 -9.57 5.42
C ALA B 108 -3.16 -8.54 5.31
N ALA B 109 -2.80 -7.97 6.44
CA ALA B 109 -1.70 -7.02 6.50
C ALA B 109 -0.85 -7.34 7.71
N LEU B 110 0.45 -7.41 7.51
CA LEU B 110 1.41 -7.68 8.57
C LEU B 110 2.21 -6.40 8.78
N LEU B 111 2.07 -5.82 9.97
CA LEU B 111 2.58 -4.48 10.23
C LEU B 111 3.88 -4.50 11.02
N SER B 112 4.85 -3.71 10.57
CA SER B 112 6.02 -3.29 11.32
C SER B 112 6.09 -1.79 11.24
N PRO B 113 6.86 -1.14 12.12
CA PRO B 113 6.86 0.33 12.12
C PRO B 113 7.34 0.93 10.82
N TYR B 114 8.31 0.28 10.15
CA TYR B 114 8.86 0.83 8.92
C TYR B 114 8.60 -0.06 7.73
N SER B 115 7.66 -1.00 7.85
CA SER B 115 7.41 -1.92 6.75
C SER B 115 6.03 -2.53 6.95
N TYR B 116 5.41 -2.91 5.84
CA TYR B 116 4.25 -3.78 5.97
C TYR B 116 4.16 -4.69 4.77
N SER B 117 3.47 -5.80 4.97
N SER B 117 3.52 -5.82 4.98
CA SER B 117 3.25 -6.82 3.95
CA SER B 117 3.22 -6.77 3.94
C SER B 117 1.76 -7.11 3.88
C SER B 117 1.71 -6.92 3.86
N THR B 118 1.22 -7.17 2.66
CA THR B 118 -0.19 -7.42 2.50
C THR B 118 -0.39 -8.51 1.47
N THR B 119 -1.43 -9.31 1.69
N THR B 119 -1.38 -9.35 1.71
CA THR B 119 -1.71 -10.47 0.86
CA THR B 119 -1.69 -10.44 0.78
C THR B 119 -3.21 -10.59 0.72
C THR B 119 -3.19 -10.60 0.71
N ALA B 120 -3.63 -11.29 -0.33
CA ALA B 120 -5.03 -11.59 -0.55
C ALA B 120 -5.15 -13.09 -0.61
N VAL B 121 -6.08 -13.62 0.16
CA VAL B 121 -6.46 -15.03 0.12
C VAL B 121 -7.87 -15.04 -0.45
N VAL B 122 -8.01 -15.49 -1.69
CA VAL B 122 -9.26 -15.42 -2.42
C VAL B 122 -9.72 -16.86 -2.66
N THR B 123 -10.77 -17.27 -1.95
CA THR B 123 -11.22 -18.65 -1.95
C THR B 123 -12.66 -18.74 -2.45
N ASN B 124 -13.18 -19.97 -2.44
CA ASN B 124 -14.51 -20.32 -2.90
C ASN B 124 -15.20 -21.20 -1.87
N PRO B 125 -16.44 -20.89 -1.47
CA PRO B 125 -17.16 -21.68 -0.47
C PRO B 125 -17.63 -23.03 -1.00
C13 AQI C . 17.33 -5.42 -1.52
C15 AQI C . 17.28 -4.13 -1.02
C17 AQI C . 16.22 -3.74 -0.22
C18 AQI C . 15.21 -4.65 0.08
O21 AQI C . 17.07 -1.65 0.07
C02 AQI C . 10.84 -7.08 1.77
C03 AQI C . 10.22 -5.93 1.33
C04 AQI C . 10.86 -5.11 0.41
C06 AQI C . 12.12 -5.43 -0.05
C07 AQI C . 12.75 -6.58 0.41
C08 AQI C . 12.10 -7.40 1.31
C09 AQI C . 14.15 -6.97 -0.10
C11 AQI C . 15.24 -5.94 -0.41
C12 AQI C . 16.32 -6.32 -1.21
F05 AQI C . 10.24 -3.98 -0.02
N19 AQI C . 16.18 -2.39 0.29
O01 AQI C . 10.16 -7.90 2.69
O10 AQI C . 14.36 -8.12 -0.28
O14 AQI C . 18.40 -5.79 -2.32
O16 AQI C . 18.30 -3.22 -1.33
O20 AQI C . 15.11 -1.96 1.08
C13 AQI D . -2.19 -15.38 9.57
C15 AQI D . -3.20 -15.38 8.63
C17 AQI D . -2.96 -14.87 7.37
C18 AQI D . -1.71 -14.37 7.03
O21 AQI D . -3.97 -14.19 5.43
C02 AQI D . 2.60 -11.65 5.24
C03 AQI D . 1.67 -10.67 4.93
C04 AQI D . 0.40 -10.71 5.52
C06 AQI D . 0.07 -11.71 6.41
C07 AQI D . 1.00 -12.69 6.70
C08 AQI D . 2.26 -12.65 6.12
C09 AQI D . 0.70 -13.83 7.67
C11 AQI D . -0.70 -14.36 7.98
C12 AQI D . -0.95 -14.88 9.24
F05 AQI D . -0.50 -9.74 5.22
N19 AQI D . -4.04 -14.89 6.38
O01 AQI D . 3.87 -11.63 4.66
O10 AQI D . 1.63 -14.34 8.20
O14 AQI D . -2.43 -15.89 10.85
O16 AQI D . -4.47 -15.89 8.94
O20 AQI D . -5.14 -15.73 6.57
#